data_3K7L
#
_entry.id   3K7L
#
_cell.length_a   91.650
_cell.length_b   91.650
_cell.length_c   124.235
_cell.angle_alpha   90.00
_cell.angle_beta   90.00
_cell.angle_gamma   90.00
#
_symmetry.space_group_name_H-M   'P 43 21 2'
#
loop_
_entity.id
_entity.type
_entity.pdbx_description
1 polymer Atragin
2 non-polymer 2-acetamido-2-deoxy-beta-D-glucopyranose
3 non-polymer 'ZINC ION'
4 non-polymer 'CALCIUM ION'
5 water water
#
_entity_poly.entity_id   1
_entity_poly.type   'polypeptide(L)'
_entity_poly.pdbx_seq_one_letter_code
;TNTPEQDRYLQAKKYIEFYVVVDNIMYRHYKRDQPVIKRKVYEMINTMNMIYRRLNFHIALIGLEIWSNINEINVQSDVR
ATLNLFGEWREKKLLPRKRNDNAQLLTGIDFNGTPVGLAYIGSICNPKTSAAVVQDYSSRTRMVAITMAHEMGHNLGMNH
DRGFCTCGFNKCVMSTRRTKPAYQFSSCSVREHQRYLLRDRPQCILNKPLSTDIVSPPICGNYFVEVGEECDCGSPADCQ
SACCNATTCKLQHEAQCDSEECCEKCKFKGARAECRAAKDDCDLPELCTGQSAECPTDVFQRNGLPCQNNQGYCYNGKCP
IMTNQCIALRGPGVKVSRDSCFTLNQRTRGCGLCRMEYGRKIPCAAKDVKCGRLFCKRRNSMICNCSISPRDPNYGMVEP
GTKCGDGMVCSNRQCVDVKTAY
;
_entity_poly.pdbx_strand_id   A
#
loop_
_chem_comp.id
_chem_comp.type
_chem_comp.name
_chem_comp.formula
CA non-polymer 'CALCIUM ION' 'Ca 2'
NAG D-saccharide, beta linking 2-acetamido-2-deoxy-beta-D-glucopyranose 'C8 H15 N O6'
ZN non-polymer 'ZINC ION' 'Zn 2'
#
# COMPACT_ATOMS: atom_id res chain seq x y z
N THR A 1 -5.00 10.95 21.29
CA THR A 1 -3.70 10.29 20.88
C THR A 1 -3.27 10.60 19.42
N ASN A 2 -4.21 10.43 18.43
CA ASN A 2 -3.94 10.71 16.97
C ASN A 2 -3.55 12.17 16.79
N THR A 3 -2.34 12.45 16.33
CA THR A 3 -1.99 13.84 16.02
C THR A 3 -2.97 14.46 15.01
N PRO A 4 -3.22 15.78 15.13
CA PRO A 4 -4.02 16.40 14.07
C PRO A 4 -3.54 16.03 12.65
N GLU A 5 -2.25 15.91 12.41
CA GLU A 5 -1.90 15.62 11.02
C GLU A 5 -2.36 14.18 10.61
N GLN A 6 -2.47 13.31 11.61
CA GLN A 6 -2.86 11.94 11.31
C GLN A 6 -4.34 12.00 10.91
N ASP A 7 -5.17 12.65 11.72
CA ASP A 7 -6.62 12.78 11.42
C ASP A 7 -6.92 13.33 10.04
N ARG A 8 -5.99 14.17 9.59
CA ARG A 8 -6.11 14.92 8.35
C ARG A 8 -5.59 14.09 7.17
N TYR A 9 -4.41 13.47 7.33
CA TYR A 9 -4.08 12.30 6.51
C TYR A 9 -5.26 11.25 6.36
N LEU A 10 -6.04 11.01 7.43
CA LEU A 10 -7.11 10.02 7.35
C LEU A 10 -8.21 10.44 6.41
N GLN A 11 -8.16 11.66 5.89
CA GLN A 11 -9.28 12.23 5.15
C GLN A 11 -8.88 12.55 3.71
N ALA A 12 -7.62 12.40 3.36
CA ALA A 12 -7.22 12.57 1.99
C ALA A 12 -7.92 11.38 1.28
N LYS A 13 -8.64 11.65 0.20
CA LYS A 13 -8.98 10.61 -0.75
C LYS A 13 -7.75 9.72 -0.94
N LYS A 14 -7.95 8.40 -1.01
CA LYS A 14 -6.91 7.40 -1.35
C LYS A 14 -7.43 6.55 -2.49
N TYR A 15 -6.52 5.94 -3.23
CA TYR A 15 -6.90 5.24 -4.41
C TYR A 15 -6.19 3.96 -4.54
N ILE A 16 -6.91 2.96 -5.09
CA ILE A 16 -6.32 1.73 -5.49
C ILE A 16 -6.49 1.49 -6.97
N GLU A 17 -5.36 1.38 -7.66
CA GLU A 17 -5.34 0.85 -9.00
C GLU A 17 -5.41 -0.62 -9.00
N PHE A 18 -6.54 -1.15 -9.34
CA PHE A 18 -6.94 -2.55 -9.07
C PHE A 18 -6.80 -3.36 -10.37
N TYR A 19 -6.28 -4.59 -10.29
CA TYR A 19 -6.34 -5.47 -11.40
C TYR A 19 -7.06 -6.79 -11.02
N VAL A 20 -8.01 -7.18 -11.84
CA VAL A 20 -8.72 -8.43 -11.63
C VAL A 20 -8.46 -9.35 -12.76
N VAL A 21 -8.40 -10.63 -12.38
CA VAL A 21 -8.20 -11.81 -13.23
C VAL A 21 -9.38 -12.79 -13.03
N VAL A 22 -9.93 -13.29 -14.13
CA VAL A 22 -10.98 -14.28 -14.09
C VAL A 22 -10.37 -15.61 -14.55
N ASP A 23 -10.52 -16.67 -13.78
CA ASP A 23 -9.79 -17.86 -14.13
C ASP A 23 -10.62 -18.70 -15.04
N ASN A 24 -10.05 -19.78 -15.55
CA ASN A 24 -10.76 -20.57 -16.56
C ASN A 24 -12.08 -21.18 -16.12
N ILE A 25 -12.20 -21.53 -14.85
CA ILE A 25 -13.41 -22.19 -14.47
C ILE A 25 -14.54 -21.16 -14.38
N MET A 26 -14.29 -19.90 -13.98
CA MET A 26 -15.49 -19.01 -13.89
C MET A 26 -15.89 -18.76 -15.31
N TYR A 27 -14.88 -18.72 -16.17
CA TYR A 27 -15.04 -18.40 -17.55
C TYR A 27 -15.94 -19.45 -18.15
N ARG A 28 -15.57 -20.73 -18.01
CA ARG A 28 -16.50 -21.73 -18.54
C ARG A 28 -17.94 -21.66 -17.93
N HIS A 29 -18.06 -21.25 -16.67
CA HIS A 29 -19.32 -21.28 -15.97
C HIS A 29 -20.18 -20.24 -16.64
N TYR A 30 -19.54 -19.21 -17.15
CA TYR A 30 -20.30 -18.17 -17.79
C TYR A 30 -20.34 -18.37 -19.29
N LYS A 31 -20.30 -19.63 -19.72
CA LYS A 31 -20.54 -19.99 -21.14
C LYS A 31 -19.55 -19.30 -22.05
N ARG A 32 -18.34 -19.03 -21.56
CA ARG A 32 -17.20 -18.56 -22.42
C ARG A 32 -17.53 -17.21 -22.96
N ASP A 33 -18.58 -16.62 -22.42
CA ASP A 33 -19.08 -15.36 -22.95
C ASP A 33 -18.44 -14.01 -22.35
N GLN A 34 -17.40 -13.50 -23.05
CA GLN A 34 -16.47 -12.48 -22.47
C GLN A 34 -17.12 -11.13 -22.19
N PRO A 35 -17.92 -10.53 -23.10
CA PRO A 35 -18.71 -9.40 -22.57
C PRO A 35 -19.61 -9.62 -21.32
N VAL A 36 -20.22 -10.80 -21.18
CA VAL A 36 -21.10 -11.00 -20.00
C VAL A 36 -20.26 -10.90 -18.71
N ILE A 37 -19.14 -11.60 -18.76
CA ILE A 37 -18.20 -11.58 -17.67
C ILE A 37 -17.65 -10.20 -17.43
N LYS A 38 -17.32 -9.45 -18.49
CA LYS A 38 -16.76 -8.10 -18.19
C LYS A 38 -17.81 -7.24 -17.51
N ARG A 39 -19.05 -7.37 -17.93
CA ARG A 39 -20.08 -6.55 -17.34
C ARG A 39 -20.19 -6.81 -15.89
N LYS A 40 -20.08 -8.09 -15.51
CA LYS A 40 -20.31 -8.49 -14.14
C LYS A 40 -19.22 -8.10 -13.32
N VAL A 41 -18.03 -8.15 -13.87
CA VAL A 41 -16.92 -7.54 -13.13
C VAL A 41 -17.16 -6.06 -12.90
N TYR A 42 -17.64 -5.26 -13.90
CA TYR A 42 -17.84 -3.76 -13.70
C TYR A 42 -18.87 -3.47 -12.59
N GLU A 43 -19.91 -4.32 -12.52
CA GLU A 43 -20.95 -4.19 -11.41
C GLU A 43 -20.29 -4.40 -10.10
N MET A 44 -19.51 -5.45 -10.02
CA MET A 44 -18.69 -5.73 -8.90
C MET A 44 -17.78 -4.60 -8.40
N ILE A 45 -16.94 -4.02 -9.27
CA ILE A 45 -16.14 -2.87 -8.82
C ILE A 45 -17.03 -1.70 -8.41
N ASN A 46 -18.07 -1.46 -9.18
CA ASN A 46 -18.96 -0.42 -8.69
C ASN A 46 -19.48 -0.65 -7.21
N THR A 47 -19.84 -1.91 -6.93
CA THR A 47 -20.29 -2.26 -5.60
C THR A 47 -19.19 -1.98 -4.57
N MET A 48 -17.97 -2.29 -4.93
CA MET A 48 -16.87 -2.03 -4.00
C MET A 48 -16.77 -0.55 -3.66
N ASN A 49 -16.83 0.25 -4.69
CA ASN A 49 -16.58 1.72 -4.54
C ASN A 49 -17.67 2.30 -3.71
N MET A 50 -18.91 1.77 -3.84
CA MET A 50 -20.07 2.22 -2.97
C MET A 50 -19.82 1.84 -1.57
N ILE A 51 -19.29 0.65 -1.31
CA ILE A 51 -18.94 0.34 0.02
C ILE A 51 -17.73 1.17 0.51
N TYR A 52 -16.72 1.46 -0.34
CA TYR A 52 -15.45 2.04 0.19
C TYR A 52 -15.47 3.58 0.30
N ARG A 53 -16.62 4.15 -0.04
CA ARG A 53 -16.82 5.62 -0.04
C ARG A 53 -16.61 6.17 1.33
N ARG A 54 -17.29 5.64 2.36
CA ARG A 54 -17.13 6.16 3.70
C ARG A 54 -15.73 5.97 4.23
N LEU A 55 -14.89 5.17 3.57
CA LEU A 55 -13.53 4.98 3.95
C LEU A 55 -12.57 5.87 3.21
N ASN A 56 -13.04 6.63 2.20
CA ASN A 56 -12.16 7.56 1.41
C ASN A 56 -11.28 6.87 0.35
N PHE A 57 -11.60 5.61 -0.04
CA PHE A 57 -10.84 4.91 -1.03
C PHE A 57 -11.66 4.82 -2.24
N HIS A 58 -11.01 4.97 -3.39
CA HIS A 58 -11.68 4.70 -4.65
C HIS A 58 -10.87 3.67 -5.39
N ILE A 59 -11.58 2.69 -5.90
CA ILE A 59 -11.04 1.59 -6.55
C ILE A 59 -11.21 1.86 -8.02
N ALA A 60 -10.10 1.82 -8.75
CA ALA A 60 -10.08 2.07 -10.18
C ALA A 60 -9.56 0.82 -10.91
N LEU A 61 -10.43 0.27 -11.73
CA LEU A 61 -10.13 -0.97 -12.33
C LEU A 61 -9.18 -0.56 -13.43
N ILE A 62 -7.92 -0.93 -13.33
CA ILE A 62 -6.99 -0.60 -14.46
C ILE A 62 -6.67 -1.81 -15.27
N GLY A 63 -7.24 -2.96 -14.99
CA GLY A 63 -6.99 -4.06 -15.92
C GLY A 63 -7.86 -5.24 -15.63
N LEU A 64 -8.26 -5.97 -16.67
CA LEU A 64 -9.12 -7.07 -16.45
C LEU A 64 -8.70 -8.15 -17.38
N GLU A 65 -8.25 -9.31 -16.86
CA GLU A 65 -7.85 -10.35 -17.78
C GLU A 65 -8.53 -11.64 -17.50
N ILE A 66 -9.09 -12.25 -18.55
CA ILE A 66 -9.76 -13.53 -18.51
C ILE A 66 -8.83 -14.64 -18.94
N TRP A 67 -8.69 -15.72 -18.17
CA TRP A 67 -7.86 -16.84 -18.62
C TRP A 67 -8.76 -17.72 -19.45
N SER A 68 -9.21 -17.20 -20.57
CA SER A 68 -10.08 -17.95 -21.46
C SER A 68 -9.33 -19.12 -22.10
N ASN A 69 -8.03 -19.30 -21.86
CA ASN A 69 -7.42 -20.47 -22.45
C ASN A 69 -7.07 -21.57 -21.47
N ILE A 70 -6.06 -21.33 -20.66
CA ILE A 70 -5.75 -22.25 -19.53
C ILE A 70 -5.38 -21.38 -18.30
N ASN A 71 -5.54 -21.87 -17.08
CA ASN A 71 -5.04 -21.09 -15.94
C ASN A 71 -3.49 -20.91 -16.02
N GLU A 72 -2.92 -19.73 -15.80
CA GLU A 72 -1.44 -19.75 -15.66
C GLU A 72 -0.94 -20.00 -14.26
N ILE A 73 -1.83 -20.29 -13.34
CA ILE A 73 -1.39 -21.01 -12.17
C ILE A 73 -2.21 -22.28 -11.91
N ASN A 74 -1.72 -23.18 -11.09
CA ASN A 74 -2.51 -24.30 -10.70
C ASN A 74 -3.51 -23.85 -9.63
N VAL A 75 -4.74 -23.53 -10.03
CA VAL A 75 -5.73 -23.12 -9.06
C VAL A 75 -6.34 -24.35 -8.44
N GLN A 76 -6.44 -24.38 -7.09
CA GLN A 76 -6.65 -25.62 -6.27
C GLN A 76 -7.77 -25.39 -5.27
N SER A 77 -8.55 -26.43 -5.02
CA SER A 77 -9.58 -26.38 -3.98
C SER A 77 -8.96 -25.95 -2.64
N ASP A 78 -7.67 -26.18 -2.44
CA ASP A 78 -6.99 -25.63 -1.31
C ASP A 78 -6.78 -24.08 -1.42
N VAL A 79 -7.62 -23.30 -0.77
CA VAL A 79 -7.53 -21.82 -0.79
C VAL A 79 -6.17 -21.21 -0.48
N ARG A 80 -5.52 -21.72 0.53
CA ARG A 80 -4.12 -21.32 0.79
C ARG A 80 -3.14 -21.41 -0.36
N ALA A 81 -3.17 -22.49 -1.10
CA ALA A 81 -2.03 -22.66 -2.01
C ALA A 81 -2.34 -21.80 -3.21
N THR A 82 -3.65 -21.64 -3.53
CA THR A 82 -4.03 -20.78 -4.66
C THR A 82 -3.64 -19.33 -4.28
N LEU A 83 -4.05 -18.86 -3.13
CA LEU A 83 -3.54 -17.54 -2.69
C LEU A 83 -2.03 -17.52 -2.77
N ASN A 84 -1.34 -18.56 -2.30
CA ASN A 84 0.17 -18.50 -2.41
C ASN A 84 0.64 -18.46 -3.87
N LEU A 85 0.03 -19.29 -4.72
CA LEU A 85 0.48 -19.31 -6.10
C LEU A 85 0.17 -17.96 -6.82
N PHE A 86 -0.96 -17.34 -6.41
CA PHE A 86 -1.41 -16.14 -7.06
C PHE A 86 -0.60 -14.92 -6.67
N GLY A 87 -0.14 -14.89 -5.42
CA GLY A 87 0.76 -13.82 -4.92
C GLY A 87 2.10 -13.86 -5.70
N GLU A 88 2.69 -15.04 -5.87
CA GLU A 88 3.96 -15.15 -6.61
C GLU A 88 3.80 -14.76 -8.09
N TRP A 89 2.65 -15.18 -8.65
CA TRP A 89 2.29 -14.85 -10.02
C TRP A 89 2.14 -13.32 -10.14
N ARG A 90 1.42 -12.69 -9.21
CA ARG A 90 1.43 -11.26 -9.22
C ARG A 90 2.86 -10.63 -9.22
N GLU A 91 3.68 -11.02 -8.26
CA GLU A 91 4.99 -10.42 -8.19
C GLU A 91 5.84 -10.71 -9.48
N LYS A 92 5.67 -11.87 -10.10
CA LYS A 92 6.67 -12.28 -11.06
C LYS A 92 6.20 -12.13 -12.46
N LYS A 93 4.90 -12.24 -12.63
CA LYS A 93 4.42 -12.26 -13.97
C LYS A 93 3.59 -11.02 -14.26
N LEU A 94 2.80 -10.57 -13.31
CA LEU A 94 1.90 -9.48 -13.59
C LEU A 94 2.68 -8.17 -13.43
N LEU A 95 3.25 -7.83 -12.27
CA LEU A 95 3.94 -6.53 -12.13
C LEU A 95 4.94 -6.16 -13.30
N PRO A 96 5.76 -7.13 -13.77
CA PRO A 96 6.66 -6.63 -14.79
C PRO A 96 5.91 -6.07 -15.99
N ARG A 97 4.70 -6.50 -16.28
CA ARG A 97 4.06 -5.96 -17.45
C ARG A 97 3.00 -4.88 -17.21
N LYS A 98 2.67 -4.62 -15.94
CA LYS A 98 1.48 -3.87 -15.61
C LYS A 98 1.53 -3.36 -14.15
N ARG A 99 1.73 -2.06 -13.97
CA ARG A 99 1.71 -1.45 -12.67
C ARG A 99 0.36 -1.74 -12.03
N ASN A 100 0.34 -1.95 -10.74
CA ASN A 100 -0.97 -2.05 -10.04
C ASN A 100 -0.74 -2.05 -8.54
N ASP A 101 -1.71 -1.58 -7.75
CA ASP A 101 -1.47 -1.60 -6.32
C ASP A 101 -1.92 -2.91 -5.59
N ASN A 102 -2.63 -3.78 -6.30
CA ASN A 102 -3.52 -4.74 -5.64
C ASN A 102 -3.90 -5.63 -6.87
N ALA A 103 -4.17 -6.91 -6.64
CA ALA A 103 -4.90 -7.74 -7.62
C ALA A 103 -5.70 -8.77 -6.90
N GLN A 104 -6.81 -9.14 -7.49
CA GLN A 104 -7.62 -10.26 -6.92
C GLN A 104 -7.77 -11.33 -7.95
N LEU A 105 -7.71 -12.58 -7.58
CA LEU A 105 -8.18 -13.67 -8.47
C LEU A 105 -9.70 -14.00 -8.24
N LEU A 106 -10.46 -14.07 -9.31
CA LEU A 106 -11.91 -14.31 -9.16
C LEU A 106 -12.02 -15.63 -9.85
N THR A 107 -12.36 -16.72 -9.14
CA THR A 107 -12.29 -18.08 -9.72
C THR A 107 -13.51 -18.92 -9.44
N GLY A 108 -13.94 -19.73 -10.40
CA GLY A 108 -15.03 -20.70 -10.25
C GLY A 108 -14.80 -22.02 -9.48
N ILE A 109 -13.56 -22.44 -9.21
CA ILE A 109 -13.32 -23.66 -8.46
C ILE A 109 -13.99 -23.61 -7.06
N ASP A 110 -14.36 -24.77 -6.53
CA ASP A 110 -15.00 -24.88 -5.23
C ASP A 110 -13.91 -25.11 -4.21
N PHE A 111 -13.74 -24.13 -3.34
CA PHE A 111 -12.67 -24.20 -2.31
C PHE A 111 -13.08 -25.22 -1.19
N ASN A 112 -12.15 -26.13 -0.81
CA ASN A 112 -12.52 -27.01 0.35
C ASN A 112 -12.94 -26.29 1.68
N GLY A 113 -14.05 -26.76 2.20
CA GLY A 113 -14.55 -26.17 3.41
C GLY A 113 -15.40 -24.95 3.19
N THR A 114 -15.29 -24.05 4.15
CA THR A 114 -16.26 -23.02 4.47
C THR A 114 -15.87 -21.72 3.77
N PRO A 115 -14.54 -21.37 3.80
CA PRO A 115 -13.83 -20.46 2.91
C PRO A 115 -14.33 -20.20 1.50
N VAL A 116 -14.62 -18.93 1.35
CA VAL A 116 -14.92 -18.33 0.10
C VAL A 116 -13.84 -17.37 -0.55
N GLY A 117 -12.70 -17.11 0.09
CA GLY A 117 -11.68 -16.20 -0.41
C GLY A 117 -10.59 -16.33 0.59
N LEU A 118 -9.44 -15.72 0.40
CA LEU A 118 -8.52 -15.49 1.51
C LEU A 118 -7.54 -14.34 1.11
N ALA A 119 -6.98 -13.66 2.11
CA ALA A 119 -6.15 -12.45 1.84
C ALA A 119 -5.00 -12.35 2.80
N TYR A 120 -3.89 -11.75 2.38
CA TYR A 120 -2.91 -11.38 3.37
C TYR A 120 -3.32 -10.10 4.09
N ILE A 121 -2.82 -9.91 5.31
CA ILE A 121 -3.33 -8.83 6.17
C ILE A 121 -2.40 -7.60 6.10
N GLY A 122 -3.00 -6.41 5.91
CA GLY A 122 -2.25 -5.13 5.86
C GLY A 122 -1.05 -5.24 4.97
N SER A 123 -1.26 -5.40 3.68
CA SER A 123 -0.13 -5.65 2.77
C SER A 123 -0.32 -4.80 1.47
N ILE A 124 -1.24 -3.85 1.47
CA ILE A 124 -1.46 -3.06 0.24
C ILE A 124 -0.20 -2.30 -0.34
N CYS A 125 -0.02 -2.32 -1.65
CA CYS A 125 1.18 -1.76 -2.31
C CYS A 125 2.41 -2.66 -2.24
N ASN A 126 2.41 -3.74 -1.43
CA ASN A 126 3.46 -4.82 -1.37
C ASN A 126 3.51 -5.69 -2.64
N PRO A 127 4.68 -5.73 -3.32
CA PRO A 127 4.82 -6.59 -4.57
C PRO A 127 4.54 -8.04 -4.32
N LYS A 128 4.85 -8.44 -3.11
CA LYS A 128 4.70 -9.83 -2.81
C LYS A 128 3.25 -10.26 -2.45
N THR A 129 2.51 -9.42 -1.70
CA THR A 129 1.40 -9.88 -0.86
C THR A 129 0.26 -8.95 -0.98
N SER A 130 0.40 -7.96 -1.86
CA SER A 130 -0.85 -7.15 -2.16
C SER A 130 -1.79 -7.87 -3.11
N ALA A 131 -2.54 -8.84 -2.61
CA ALA A 131 -3.23 -9.84 -3.49
C ALA A 131 -4.29 -10.50 -2.65
N ALA A 132 -5.45 -10.68 -3.20
CA ALA A 132 -6.36 -11.63 -2.52
C ALA A 132 -6.94 -12.59 -3.55
N VAL A 133 -7.83 -13.49 -3.13
CA VAL A 133 -8.30 -14.53 -4.06
C VAL A 133 -9.76 -14.71 -3.64
N VAL A 134 -10.71 -14.80 -4.58
CA VAL A 134 -12.12 -14.81 -4.22
C VAL A 134 -12.77 -15.83 -5.06
N GLN A 135 -13.75 -16.53 -4.43
CA GLN A 135 -14.46 -17.60 -5.15
C GLN A 135 -15.70 -16.99 -5.67
N ASP A 136 -16.04 -17.31 -6.92
CA ASP A 136 -17.25 -16.79 -7.52
C ASP A 136 -18.40 -17.77 -7.25
N TYR A 137 -18.92 -17.69 -6.00
CA TYR A 137 -19.71 -18.78 -5.35
C TYR A 137 -21.24 -18.61 -5.49
N SER A 138 -21.61 -17.45 -6.05
CA SER A 138 -22.98 -17.14 -6.21
C SER A 138 -23.20 -16.44 -7.52
N SER A 139 -24.43 -16.50 -8.03
CA SER A 139 -24.82 -15.87 -9.27
C SER A 139 -25.09 -14.37 -9.05
N ARG A 140 -25.38 -14.07 -7.80
CA ARG A 140 -25.60 -12.71 -7.29
C ARG A 140 -24.35 -11.90 -7.18
N THR A 141 -24.09 -11.06 -8.18
CA THR A 141 -22.91 -10.20 -8.22
C THR A 141 -22.70 -9.33 -7.06
N ARG A 142 -23.76 -8.91 -6.41
CA ARG A 142 -23.57 -8.10 -5.22
C ARG A 142 -22.84 -8.94 -4.13
N MET A 143 -23.15 -10.23 -4.06
CA MET A 143 -22.61 -10.93 -2.89
C MET A 143 -21.14 -11.08 -3.11
N VAL A 144 -20.71 -11.43 -4.32
CA VAL A 144 -19.28 -11.73 -4.58
C VAL A 144 -18.49 -10.46 -4.44
N ALA A 145 -19.02 -9.38 -4.99
CA ALA A 145 -18.53 -8.02 -4.71
C ALA A 145 -18.32 -7.70 -3.21
N ILE A 146 -19.27 -8.06 -2.34
CA ILE A 146 -19.09 -7.87 -0.92
C ILE A 146 -17.87 -8.69 -0.34
N THR A 147 -17.71 -9.90 -0.84
CA THR A 147 -16.59 -10.73 -0.37
C THR A 147 -15.37 -10.09 -0.93
N MET A 148 -15.51 -9.58 -2.14
CA MET A 148 -14.35 -8.97 -2.77
C MET A 148 -13.96 -7.76 -1.91
N ALA A 149 -14.93 -6.95 -1.55
CA ALA A 149 -14.68 -5.84 -0.67
C ALA A 149 -14.12 -6.29 0.67
N HIS A 150 -14.64 -7.42 1.20
CA HIS A 150 -13.99 -7.92 2.41
C HIS A 150 -12.56 -8.44 2.33
N GLU A 151 -12.23 -9.18 1.26
CA GLU A 151 -10.83 -9.60 1.13
C GLU A 151 -9.94 -8.35 0.95
N MET A 152 -10.48 -7.26 0.39
CA MET A 152 -9.60 -6.11 0.21
C MET A 152 -9.37 -5.41 1.56
N GLY A 153 -10.43 -5.29 2.37
CA GLY A 153 -10.38 -4.97 3.86
C GLY A 153 -9.23 -5.73 4.57
N HIS A 154 -9.15 -7.04 4.33
CA HIS A 154 -7.94 -7.68 4.83
C HIS A 154 -6.61 -7.09 4.29
N ASN A 155 -6.52 -6.84 2.97
CA ASN A 155 -5.27 -6.30 2.46
C ASN A 155 -5.09 -4.94 3.04
N LEU A 156 -6.20 -4.27 3.35
CA LEU A 156 -5.98 -2.98 3.92
C LEU A 156 -5.88 -3.05 5.40
N GLY A 157 -5.41 -4.18 5.97
CA GLY A 157 -5.10 -4.19 7.40
C GLY A 157 -6.22 -4.46 8.41
N MET A 158 -7.45 -4.72 7.94
CA MET A 158 -8.50 -5.18 8.86
C MET A 158 -8.13 -6.61 9.25
N ASN A 159 -8.25 -6.92 10.56
CA ASN A 159 -7.96 -8.25 11.14
C ASN A 159 -9.13 -9.27 11.01
N HIS A 160 -8.85 -10.58 11.05
CA HIS A 160 -9.92 -11.52 11.48
C HIS A 160 -10.01 -11.46 12.97
N ASP A 161 -11.16 -11.06 13.48
CA ASP A 161 -11.38 -11.12 14.93
C ASP A 161 -12.86 -11.42 14.75
N ARG A 162 -13.05 -11.90 13.55
CA ARG A 162 -14.32 -11.82 12.92
C ARG A 162 -15.34 -12.75 13.57
N GLY A 163 -16.59 -12.61 13.14
CA GLY A 163 -17.69 -12.87 14.07
C GLY A 163 -17.52 -11.70 15.03
N PHE A 164 -17.57 -10.51 14.44
CA PHE A 164 -17.92 -9.26 15.12
C PHE A 164 -17.04 -8.66 16.32
N CYS A 165 -17.53 -7.52 16.86
CA CYS A 165 -16.80 -6.49 17.63
C CYS A 165 -16.83 -6.78 19.11
N THR A 166 -16.37 -5.77 19.88
CA THR A 166 -16.63 -5.66 21.35
C THR A 166 -17.01 -4.20 21.69
N CYS A 167 -18.02 -3.66 20.97
CA CYS A 167 -19.43 -3.48 21.43
C CYS A 167 -20.04 -2.04 21.30
N GLY A 168 -21.28 -1.88 20.80
CA GLY A 168 -21.51 -0.90 19.71
C GLY A 168 -22.80 -0.53 18.89
N PHE A 169 -22.71 0.16 17.72
CA PHE A 169 -24.17 0.05 17.32
C PHE A 169 -24.93 -1.16 17.97
N TYR A 183 -23.14 -5.66 4.32
CA TYR A 183 -22.71 -4.52 3.48
C TYR A 183 -21.44 -3.79 3.96
N GLN A 184 -21.43 -3.27 5.21
CA GLN A 184 -20.28 -2.48 5.76
C GLN A 184 -19.36 -3.16 6.84
N PHE A 185 -18.54 -2.35 7.50
CA PHE A 185 -17.50 -2.84 8.34
C PHE A 185 -17.84 -2.39 9.72
N SER A 186 -17.52 -3.28 10.66
CA SER A 186 -17.69 -2.94 12.01
C SER A 186 -16.67 -1.82 12.31
N SER A 187 -17.03 -1.01 13.31
CA SER A 187 -16.16 0.01 13.83
C SER A 187 -14.77 -0.55 14.14
N CYS A 188 -14.69 -1.75 14.78
CA CYS A 188 -13.35 -2.33 15.15
C CYS A 188 -12.59 -2.64 13.85
N SER A 189 -13.30 -3.03 12.80
CA SER A 189 -12.58 -3.26 11.57
C SER A 189 -11.99 -1.94 11.01
N VAL A 190 -12.73 -0.83 11.17
CA VAL A 190 -12.21 0.48 10.75
C VAL A 190 -11.03 1.02 11.59
N ARG A 191 -11.09 0.90 12.92
CA ARG A 191 -9.92 1.30 13.69
C ARG A 191 -8.71 0.44 13.26
N GLU A 192 -8.94 -0.84 12.96
CA GLU A 192 -7.78 -1.64 12.63
C GLU A 192 -7.04 -1.13 11.35
N HIS A 193 -7.82 -1.10 10.28
CA HIS A 193 -7.48 -0.53 9.01
C HIS A 193 -6.75 0.80 9.19
N GLN A 194 -7.31 1.74 9.96
CA GLN A 194 -6.66 3.06 10.22
C GLN A 194 -5.31 3.08 10.83
N ARG A 195 -5.18 2.18 11.81
CA ARG A 195 -3.94 1.93 12.57
C ARG A 195 -2.93 1.46 11.62
N TYR A 196 -3.31 0.42 10.89
CA TYR A 196 -2.44 0.00 9.82
C TYR A 196 -2.02 1.19 8.85
N LEU A 197 -2.97 1.91 8.30
CA LEU A 197 -2.58 3.12 7.50
C LEU A 197 -1.61 4.07 8.20
N LEU A 198 -1.90 4.41 9.45
CA LEU A 198 -1.06 5.29 10.28
C LEU A 198 0.26 4.71 10.56
N ARG A 199 0.28 3.41 10.85
CA ARG A 199 1.54 2.76 11.17
C ARG A 199 2.44 2.60 9.99
N ASP A 200 1.90 2.26 8.80
CA ASP A 200 2.75 1.95 7.58
C ASP A 200 2.70 3.05 6.51
N ARG A 201 1.64 3.87 6.49
CA ARG A 201 1.44 4.88 5.45
C ARG A 201 1.91 4.46 4.09
N PRO A 202 1.24 3.50 3.49
CA PRO A 202 1.89 2.95 2.28
C PRO A 202 1.76 3.97 1.17
N GLN A 203 2.74 3.94 0.27
CA GLN A 203 2.97 5.07 -0.69
C GLN A 203 1.93 5.04 -1.77
N CYS A 204 1.67 3.87 -2.37
CA CYS A 204 0.94 3.81 -3.61
C CYS A 204 -0.47 4.34 -3.56
N ILE A 205 -1.15 4.25 -2.41
CA ILE A 205 -2.55 4.61 -2.43
C ILE A 205 -2.75 6.10 -2.43
N LEU A 206 -1.65 6.85 -2.48
CA LEU A 206 -1.70 8.38 -2.55
C LEU A 206 -1.85 8.95 -3.95
N ASN A 207 -1.50 8.18 -4.99
CA ASN A 207 -1.65 8.83 -6.29
C ASN A 207 -3.02 8.55 -6.93
N LYS A 208 -3.58 9.60 -7.53
CA LYS A 208 -4.91 9.65 -8.18
C LYS A 208 -4.65 9.06 -9.51
N PRO A 209 -5.17 7.89 -9.84
CA PRO A 209 -4.83 7.32 -11.18
C PRO A 209 -5.25 8.20 -12.34
N LEU A 210 -4.54 8.19 -13.47
CA LEU A 210 -4.92 9.06 -14.66
C LEU A 210 -6.19 8.55 -15.20
N SER A 211 -7.12 9.47 -15.52
CA SER A 211 -8.40 8.95 -15.88
C SER A 211 -8.29 8.04 -17.14
N THR A 212 -7.15 8.06 -17.80
CA THR A 212 -7.03 7.42 -19.08
C THR A 212 -6.91 6.01 -18.78
N ASP A 213 -6.19 5.69 -17.68
CA ASP A 213 -5.74 4.33 -17.26
C ASP A 213 -6.83 3.28 -16.80
N ILE A 214 -8.03 3.75 -16.64
CA ILE A 214 -9.14 3.03 -16.13
C ILE A 214 -9.86 2.32 -17.27
N VAL A 215 -10.18 1.08 -17.08
CA VAL A 215 -10.77 0.29 -18.13
C VAL A 215 -12.28 0.04 -18.09
N SER A 216 -12.90 0.26 -16.97
CA SER A 216 -14.30 0.12 -16.85
C SER A 216 -15.06 1.32 -17.44
N PRO A 217 -16.36 1.12 -17.87
CA PRO A 217 -17.18 2.22 -18.31
C PRO A 217 -17.20 3.30 -17.29
N PRO A 218 -17.03 4.54 -17.71
CA PRO A 218 -17.35 5.64 -16.82
C PRO A 218 -18.62 5.46 -16.14
N ILE A 219 -18.63 5.77 -14.85
CA ILE A 219 -19.89 5.88 -14.13
C ILE A 219 -19.96 7.33 -13.64
N CYS A 220 -21.00 8.06 -14.11
CA CYS A 220 -21.21 9.45 -13.68
C CYS A 220 -21.94 9.38 -12.35
N GLY A 221 -21.21 9.60 -11.27
CA GLY A 221 -21.73 9.48 -9.96
C GLY A 221 -20.87 8.68 -8.93
N ASN A 222 -19.74 8.17 -9.36
CA ASN A 222 -18.90 7.46 -8.45
C ASN A 222 -17.91 8.42 -7.91
N TYR A 223 -18.16 9.73 -7.96
CA TYR A 223 -17.18 10.73 -7.41
C TYR A 223 -15.77 10.68 -7.95
N PHE A 224 -15.52 9.98 -9.05
CA PHE A 224 -14.16 9.94 -9.60
C PHE A 224 -14.35 10.37 -11.03
N VAL A 225 -13.45 11.20 -11.50
CA VAL A 225 -13.72 11.82 -12.77
C VAL A 225 -13.16 10.87 -13.79
N GLU A 226 -14.03 10.38 -14.64
CA GLU A 226 -13.47 9.50 -15.66
C GLU A 226 -13.47 10.14 -17.07
N VAL A 227 -12.89 9.43 -18.00
CA VAL A 227 -12.86 9.85 -19.40
C VAL A 227 -14.28 10.24 -19.86
N GLY A 228 -14.44 11.46 -20.39
CA GLY A 228 -15.80 11.88 -20.96
C GLY A 228 -16.56 12.66 -19.87
N GLU A 229 -15.96 12.87 -18.71
CA GLU A 229 -16.61 13.62 -17.62
C GLU A 229 -15.56 14.72 -17.32
N GLU A 230 -15.97 15.76 -16.57
CA GLU A 230 -15.09 16.86 -16.23
C GLU A 230 -15.16 17.07 -14.77
N CYS A 231 -16.25 16.59 -14.14
CA CYS A 231 -16.29 16.55 -12.70
C CYS A 231 -17.24 15.41 -12.27
N ASP A 232 -17.16 14.98 -11.01
CA ASP A 232 -18.11 13.93 -10.56
C ASP A 232 -18.40 14.08 -9.09
N CYS A 233 -19.55 14.67 -8.76
CA CYS A 233 -19.83 14.95 -7.33
C CYS A 233 -20.95 14.01 -6.73
N GLY A 234 -21.20 12.89 -7.39
CA GLY A 234 -22.21 11.98 -6.93
C GLY A 234 -23.54 12.10 -7.64
N SER A 235 -24.53 11.49 -7.03
CA SER A 235 -25.97 11.54 -7.48
C SER A 235 -26.47 12.96 -7.48
N PRO A 236 -27.29 13.35 -8.44
CA PRO A 236 -28.02 14.64 -8.23
C PRO A 236 -28.68 14.83 -6.81
N ALA A 237 -29.10 13.77 -6.13
CA ALA A 237 -29.76 13.95 -4.86
C ALA A 237 -28.79 14.36 -3.77
N ASP A 238 -27.50 13.94 -3.92
CA ASP A 238 -26.40 14.13 -2.92
C ASP A 238 -25.51 15.37 -3.18
N CYS A 239 -25.26 15.64 -4.47
CA CYS A 239 -24.29 16.63 -4.86
C CYS A 239 -24.76 17.97 -4.33
N GLN A 240 -23.81 18.73 -3.76
CA GLN A 240 -24.00 20.19 -3.47
C GLN A 240 -22.69 20.94 -3.74
N SER A 241 -22.34 21.03 -5.02
CA SER A 241 -21.21 21.77 -5.48
C SER A 241 -21.87 22.83 -6.32
N ALA A 242 -21.38 24.04 -6.21
CA ALA A 242 -21.77 25.02 -7.25
C ALA A 242 -20.93 24.86 -8.54
N CYS A 243 -20.01 23.92 -8.56
CA CYS A 243 -19.08 23.95 -9.69
C CYS A 243 -19.53 22.95 -10.71
N CYS A 244 -20.17 21.87 -10.24
CA CYS A 244 -20.32 20.71 -11.10
C CYS A 244 -21.79 20.48 -11.32
N ASN A 245 -22.17 20.13 -12.54
CA ASN A 245 -23.49 19.62 -12.85
C ASN A 245 -23.49 18.08 -12.70
N ALA A 246 -24.19 17.67 -11.67
CA ALA A 246 -24.20 16.32 -11.15
C ALA A 246 -24.84 15.37 -12.15
N THR A 247 -25.81 15.82 -12.89
CA THR A 247 -26.44 14.94 -13.82
C THR A 247 -25.49 14.60 -14.96
N THR A 248 -24.79 15.61 -15.48
CA THR A 248 -24.05 15.37 -16.72
C THR A 248 -22.54 15.17 -16.41
N CYS A 249 -22.12 15.50 -15.20
CA CYS A 249 -20.72 15.34 -14.91
C CYS A 249 -19.92 16.33 -15.79
N LYS A 250 -20.49 17.51 -16.11
CA LYS A 250 -19.75 18.60 -16.81
C LYS A 250 -19.59 19.72 -15.85
N LEU A 251 -18.45 20.44 -15.90
CA LEU A 251 -18.32 21.68 -15.14
C LEU A 251 -19.40 22.80 -15.41
N GLN A 252 -19.85 23.52 -14.39
CA GLN A 252 -20.77 24.66 -14.66
C GLN A 252 -20.05 25.92 -15.27
N HIS A 253 -20.89 26.89 -15.68
CA HIS A 253 -20.47 28.10 -16.36
C HIS A 253 -19.24 28.73 -15.69
N GLU A 254 -18.18 28.85 -16.45
CA GLU A 254 -16.87 29.35 -15.96
C GLU A 254 -16.06 28.52 -14.92
N ALA A 255 -16.55 27.38 -14.44
CA ALA A 255 -15.73 26.62 -13.45
C ALA A 255 -14.57 25.89 -14.09
N GLN A 256 -13.44 25.83 -13.43
CA GLN A 256 -12.23 25.21 -13.93
C GLN A 256 -12.06 23.87 -13.19
N CYS A 257 -12.87 23.65 -12.15
CA CYS A 257 -12.55 22.57 -11.30
C CYS A 257 -13.58 22.53 -10.21
N ASP A 258 -13.65 21.39 -9.50
CA ASP A 258 -14.69 21.22 -8.49
C ASP A 258 -14.10 20.77 -7.14
N SER A 259 -13.73 19.51 -7.01
CA SER A 259 -13.43 18.97 -5.69
C SER A 259 -11.96 18.54 -5.53
N GLU A 260 -11.17 18.78 -6.53
CA GLU A 260 -9.78 18.55 -6.31
C GLU A 260 -9.12 19.36 -5.17
N GLU A 261 -8.10 18.74 -4.61
CA GLU A 261 -7.43 19.35 -3.54
C GLU A 261 -7.04 20.81 -3.89
N CYS A 262 -6.57 21.10 -5.11
CA CYS A 262 -6.19 22.47 -5.46
C CYS A 262 -7.26 23.23 -6.30
N CYS A 263 -8.55 23.10 -5.86
CA CYS A 263 -9.69 23.88 -6.33
C CYS A 263 -10.33 24.56 -5.12
N GLU A 264 -10.78 25.81 -5.35
CA GLU A 264 -11.48 26.52 -4.38
C GLU A 264 -12.37 27.40 -5.20
N LYS A 265 -13.62 27.28 -4.85
CA LYS A 265 -14.70 28.01 -5.44
C LYS A 265 -14.63 27.92 -6.93
N CYS A 266 -14.61 26.69 -7.37
CA CYS A 266 -14.43 26.37 -8.79
C CYS A 266 -13.26 27.05 -9.46
N LYS A 267 -12.21 27.39 -8.73
CA LYS A 267 -11.04 27.89 -9.42
C LYS A 267 -9.81 27.25 -8.79
N PHE A 268 -8.69 27.18 -9.52
CA PHE A 268 -7.37 26.79 -9.02
C PHE A 268 -7.00 27.63 -7.84
N LYS A 269 -6.52 27.05 -6.73
CA LYS A 269 -5.92 27.87 -5.73
C LYS A 269 -4.65 28.51 -6.28
N GLY A 270 -4.24 29.60 -5.63
CA GLY A 270 -3.11 30.45 -6.03
C GLY A 270 -1.92 29.67 -5.59
N ALA A 271 -0.81 29.88 -6.27
CA ALA A 271 0.40 29.13 -6.00
C ALA A 271 0.78 29.19 -4.53
N ARG A 272 1.61 28.24 -4.14
CA ARG A 272 2.04 28.18 -2.81
C ARG A 272 0.96 27.82 -1.74
N ALA A 273 -0.34 27.74 -2.03
CA ALA A 273 -1.18 27.11 -0.96
C ALA A 273 -0.81 25.59 -0.73
N GLU A 274 -0.66 25.22 0.52
CA GLU A 274 -0.17 23.89 0.77
C GLU A 274 -1.30 22.92 0.56
N CYS A 275 -0.95 21.77 -0.05
CA CYS A 275 -1.89 20.70 -0.35
C CYS A 275 -1.56 19.30 0.27
N ARG A 276 -0.32 18.96 0.59
CA ARG A 276 -0.05 17.77 1.40
C ARG A 276 1.01 18.20 2.40
N ALA A 277 0.58 18.27 3.64
CA ALA A 277 1.46 18.59 4.84
C ALA A 277 2.61 17.61 4.90
N ALA A 278 3.67 17.95 5.56
CA ALA A 278 4.79 17.04 5.86
C ALA A 278 4.37 15.97 6.92
N LYS A 279 4.68 14.71 6.72
CA LYS A 279 4.18 13.80 7.71
C LYS A 279 5.23 13.64 8.76
N ASP A 280 6.43 14.18 8.52
CA ASP A 280 7.52 14.12 9.53
C ASP A 280 8.71 14.75 8.81
N ASP A 281 9.82 14.96 9.47
CA ASP A 281 10.88 15.79 8.93
C ASP A 281 11.72 15.26 7.79
N CYS A 282 11.23 14.24 7.13
CA CYS A 282 11.95 13.84 5.94
C CYS A 282 10.98 13.98 4.79
N ASP A 283 9.79 14.48 5.09
CA ASP A 283 8.81 14.82 4.08
C ASP A 283 8.90 16.33 3.76
N LEU A 284 8.77 16.63 2.48
CA LEU A 284 8.63 17.96 1.93
C LEU A 284 7.15 18.22 1.60
N PRO A 285 6.55 19.33 2.14
CA PRO A 285 5.14 19.72 1.79
C PRO A 285 4.95 19.90 0.32
N GLU A 286 3.78 19.57 -0.22
CA GLU A 286 3.50 19.94 -1.64
C GLU A 286 2.59 21.11 -1.64
N LEU A 287 2.63 21.90 -2.67
CA LEU A 287 1.99 23.21 -2.66
C LEU A 287 1.24 23.31 -3.98
N CYS A 288 0.09 24.00 -4.00
CA CYS A 288 -0.65 24.05 -5.22
C CYS A 288 0.14 24.80 -6.30
N THR A 289 -0.04 24.43 -7.54
CA THR A 289 0.36 25.36 -8.55
C THR A 289 -0.83 26.31 -8.69
N GLY A 290 -0.58 27.51 -9.19
CA GLY A 290 -1.76 28.25 -9.70
C GLY A 290 -2.13 27.73 -11.08
N GLN A 291 -1.46 26.68 -11.52
CA GLN A 291 -1.53 26.25 -12.92
C GLN A 291 -2.52 25.11 -13.22
N SER A 292 -3.11 24.51 -12.20
CA SER A 292 -3.89 23.30 -12.39
C SER A 292 -4.53 23.05 -11.05
N ALA A 293 -5.37 22.01 -10.94
CA ALA A 293 -6.19 21.75 -9.69
C ALA A 293 -5.70 20.54 -8.88
N GLU A 294 -4.53 20.01 -9.25
CA GLU A 294 -3.92 18.79 -8.68
C GLU A 294 -2.78 19.13 -7.74
N CYS A 295 -2.68 18.36 -6.69
CA CYS A 295 -1.62 18.45 -5.76
C CYS A 295 -0.50 17.70 -6.45
N PRO A 296 0.65 18.31 -6.58
CA PRO A 296 1.85 17.68 -7.06
C PRO A 296 2.09 16.40 -6.24
N THR A 297 2.67 15.40 -6.90
CA THR A 297 2.96 14.08 -6.33
C THR A 297 3.68 14.15 -4.97
N ASP A 298 3.54 13.14 -4.12
CA ASP A 298 4.17 13.25 -2.82
C ASP A 298 5.64 13.11 -3.10
N VAL A 299 6.49 14.08 -2.74
CA VAL A 299 7.92 13.76 -2.76
C VAL A 299 8.54 14.14 -1.44
N PHE A 300 9.82 13.94 -1.27
CA PHE A 300 10.41 14.23 0.05
C PHE A 300 11.64 15.19 0.09
N GLN A 301 12.06 15.44 1.32
CA GLN A 301 13.25 16.22 1.60
C GLN A 301 14.44 15.59 0.90
N ARG A 302 15.52 16.35 0.71
CA ARG A 302 16.69 15.82 -0.01
C ARG A 302 17.32 14.65 0.75
N ASN A 303 17.83 13.63 0.06
CA ASN A 303 18.69 12.69 0.82
C ASN A 303 19.84 13.34 1.66
N GLY A 304 20.02 12.84 2.91
CA GLY A 304 21.06 13.34 3.87
C GLY A 304 20.66 14.48 4.83
N LEU A 305 19.46 15.03 4.70
CA LEU A 305 19.09 16.05 5.68
C LEU A 305 19.18 15.49 7.07
N PRO A 306 19.83 16.21 7.99
CA PRO A 306 19.77 15.70 9.37
C PRO A 306 18.32 15.51 9.84
N CYS A 307 17.95 14.45 10.61
CA CYS A 307 16.55 14.25 11.00
C CYS A 307 16.35 13.65 12.39
N GLN A 308 15.13 13.65 12.92
CA GLN A 308 14.88 13.07 14.23
C GLN A 308 15.96 13.49 15.23
N ASN A 309 16.03 14.81 15.46
CA ASN A 309 16.99 15.40 16.41
C ASN A 309 18.37 14.91 16.23
N ASN A 310 18.79 14.98 14.96
CA ASN A 310 20.21 14.74 14.61
C ASN A 310 20.68 13.30 14.85
N GLN A 311 19.73 12.48 15.28
CA GLN A 311 19.89 11.05 15.38
C GLN A 311 20.10 10.34 14.02
N GLY A 312 19.57 10.86 12.90
CA GLY A 312 19.86 10.32 11.55
C GLY A 312 20.00 11.28 10.39
N TYR A 313 19.94 10.75 9.18
CA TYR A 313 19.86 11.49 7.95
C TYR A 313 18.78 10.89 7.00
N CYS A 314 17.97 11.74 6.36
CA CYS A 314 16.86 11.29 5.46
C CYS A 314 17.37 10.43 4.36
N TYR A 315 16.59 9.40 4.08
CA TYR A 315 16.79 8.56 2.95
C TYR A 315 15.44 8.25 2.28
N ASN A 316 15.23 8.65 1.04
CA ASN A 316 13.95 8.46 0.33
C ASN A 316 12.76 8.57 1.22
N GLY A 317 12.74 9.60 2.04
CA GLY A 317 11.56 10.03 2.84
C GLY A 317 11.37 9.41 4.23
N LYS A 318 12.44 8.80 4.76
CA LYS A 318 12.47 8.17 6.07
C LYS A 318 13.71 8.56 6.81
N CYS A 319 13.70 8.39 8.13
CA CYS A 319 14.78 8.70 9.00
C CYS A 319 15.19 7.44 9.76
N PRO A 320 15.99 6.61 9.12
CA PRO A 320 16.33 5.34 9.67
C PRO A 320 17.23 5.53 10.85
N ILE A 321 16.86 4.82 11.91
CA ILE A 321 17.54 4.90 13.17
C ILE A 321 17.62 3.54 13.78
N MET A 322 18.78 3.17 14.25
CA MET A 322 18.84 1.88 14.80
C MET A 322 17.80 1.69 15.84
N THR A 323 17.54 2.67 16.71
CA THR A 323 16.64 2.30 17.82
C THR A 323 15.27 1.90 17.27
N ASN A 324 14.72 2.71 16.38
CA ASN A 324 13.48 2.38 15.74
C ASN A 324 13.43 1.08 14.89
N GLN A 325 14.54 0.69 14.25
CA GLN A 325 14.53 -0.61 13.59
C GLN A 325 14.48 -1.67 14.64
N CYS A 326 15.14 -1.50 15.78
CA CYS A 326 14.97 -2.53 16.82
C CYS A 326 13.50 -2.67 17.25
N ILE A 327 12.90 -1.55 17.63
CA ILE A 327 11.56 -1.55 18.05
C ILE A 327 10.63 -2.17 16.93
N ALA A 328 10.90 -1.91 15.66
CA ALA A 328 10.07 -2.48 14.64
C ALA A 328 10.14 -4.02 14.63
N LEU A 329 11.34 -4.60 14.50
CA LEU A 329 11.61 -6.02 14.63
C LEU A 329 11.10 -6.68 15.93
N ARG A 330 11.23 -5.98 17.08
CA ARG A 330 11.19 -6.57 18.41
C ARG A 330 10.06 -6.08 19.25
N GLY A 331 9.38 -5.05 18.79
CA GLY A 331 8.30 -4.47 19.55
C GLY A 331 8.85 -3.33 20.40
N PRO A 332 7.97 -2.41 20.86
CA PRO A 332 8.50 -1.35 21.79
C PRO A 332 9.00 -1.96 23.07
N GLY A 333 9.98 -1.34 23.70
CA GLY A 333 10.56 -1.78 24.93
C GLY A 333 12.00 -2.16 24.81
N VAL A 334 12.57 -1.85 23.63
CA VAL A 334 13.90 -2.32 23.28
C VAL A 334 14.66 -1.16 22.60
N LYS A 335 15.97 -1.29 22.43
CA LYS A 335 16.78 -0.23 21.85
C LYS A 335 18.11 -0.76 21.30
N VAL A 336 18.79 0.04 20.44
CA VAL A 336 20.04 -0.42 19.88
C VAL A 336 21.07 -0.90 20.94
N SER A 337 21.81 -1.98 20.68
CA SER A 337 22.98 -2.30 21.54
C SER A 337 24.17 -1.34 21.47
N ARG A 338 25.04 -1.49 22.47
CA ARG A 338 26.27 -0.72 22.57
C ARG A 338 27.17 -1.06 21.33
N ASP A 339 28.22 -0.26 21.05
CA ASP A 339 29.00 -0.45 19.85
C ASP A 339 29.73 -1.76 19.80
N SER A 340 30.30 -2.18 20.96
CA SER A 340 30.96 -3.53 21.14
C SER A 340 30.19 -4.72 20.52
N CYS A 341 28.88 -4.58 20.35
CA CYS A 341 28.11 -5.73 19.93
C CYS A 341 28.31 -5.89 18.48
N PHE A 342 28.54 -4.76 17.84
CA PHE A 342 28.63 -4.77 16.40
C PHE A 342 29.91 -5.45 15.87
N THR A 343 30.96 -5.55 16.73
CA THR A 343 32.18 -6.34 16.48
C THR A 343 31.83 -7.69 15.94
N LEU A 344 30.69 -8.26 16.31
CA LEU A 344 30.44 -9.63 15.92
C LEU A 344 30.46 -9.75 14.37
N ASN A 345 30.03 -8.65 13.74
CA ASN A 345 30.02 -8.55 12.30
C ASN A 345 31.41 -8.69 11.65
N GLN A 346 32.48 -8.68 12.46
CA GLN A 346 33.79 -8.91 11.88
C GLN A 346 33.96 -10.32 11.29
N ARG A 347 33.12 -11.27 11.77
CA ARG A 347 33.12 -12.67 11.31
C ARG A 347 31.70 -13.04 10.90
N THR A 348 31.54 -14.26 10.41
CA THR A 348 30.32 -14.79 9.81
C THR A 348 29.64 -15.94 10.66
N ARG A 349 30.15 -16.18 11.87
CA ARG A 349 29.57 -17.20 12.76
C ARG A 349 28.54 -16.44 13.61
N GLY A 350 27.55 -17.14 14.15
CA GLY A 350 26.46 -16.51 14.89
C GLY A 350 25.63 -15.55 14.06
N CYS A 351 25.37 -14.37 14.60
CA CYS A 351 24.61 -13.33 13.89
C CYS A 351 25.41 -12.56 12.81
N GLY A 352 26.75 -12.61 12.96
CA GLY A 352 27.77 -11.82 12.24
C GLY A 352 27.52 -11.85 10.75
N LEU A 353 27.39 -10.66 10.12
CA LEU A 353 27.14 -10.52 8.63
C LEU A 353 27.31 -9.05 8.12
N CYS A 354 27.84 -8.93 6.91
CA CYS A 354 27.70 -7.70 6.11
C CYS A 354 26.94 -7.88 4.79
N ARG A 355 27.41 -8.81 3.96
CA ARG A 355 26.86 -8.99 2.62
C ARG A 355 26.75 -10.49 2.27
N MET A 356 25.72 -10.83 1.53
CA MET A 356 25.74 -12.02 0.70
C MET A 356 26.38 -11.65 -0.63
N GLU A 357 27.47 -12.32 -1.01
CA GLU A 357 28.03 -12.28 -2.40
C GLU A 357 28.25 -13.73 -2.79
N TYR A 358 27.48 -14.21 -3.77
CA TYR A 358 27.71 -15.56 -4.37
C TYR A 358 26.99 -16.63 -3.59
N GLY A 359 26.13 -16.22 -2.65
CA GLY A 359 25.55 -17.18 -1.72
C GLY A 359 26.56 -17.51 -0.64
N ARG A 360 27.72 -16.84 -0.66
CA ARG A 360 28.67 -16.99 0.44
C ARG A 360 28.40 -15.91 1.59
N LYS A 361 28.72 -16.20 2.86
CA LYS A 361 28.64 -15.18 3.91
C LYS A 361 29.95 -14.31 3.94
N ILE A 362 29.80 -12.99 4.15
CA ILE A 362 30.89 -12.08 3.97
C ILE A 362 30.86 -11.05 5.06
N PRO A 363 31.89 -11.05 5.94
CA PRO A 363 32.17 -10.22 7.07
C PRO A 363 32.06 -8.72 6.80
N CYS A 364 31.85 -7.93 7.84
CA CYS A 364 32.22 -6.49 7.78
C CYS A 364 33.71 -6.21 8.05
N ALA A 365 34.30 -5.36 7.25
CA ALA A 365 35.57 -4.78 7.66
C ALA A 365 35.29 -4.06 9.01
N ALA A 366 36.32 -3.89 9.82
CA ALA A 366 36.10 -3.25 11.08
C ALA A 366 35.37 -1.91 10.94
N LYS A 367 35.73 -1.10 9.92
CA LYS A 367 35.14 0.29 9.70
C LYS A 367 33.64 0.32 9.31
N ASP A 368 33.09 -0.83 8.89
CA ASP A 368 31.76 -1.00 8.37
C ASP A 368 30.78 -1.73 9.33
N VAL A 369 31.32 -2.16 10.47
CA VAL A 369 30.58 -3.03 11.40
C VAL A 369 29.14 -2.53 11.73
N LYS A 370 28.88 -1.21 11.67
CA LYS A 370 27.54 -0.65 11.91
C LYS A 370 26.61 -0.80 10.70
N CYS A 371 26.99 -1.45 9.59
CA CYS A 371 26.09 -1.53 8.45
C CYS A 371 25.75 -2.94 8.09
N GLY A 372 26.27 -3.85 8.93
CA GLY A 372 25.87 -5.27 8.91
C GLY A 372 24.62 -5.64 9.67
N ARG A 373 24.70 -6.78 10.35
CA ARG A 373 23.51 -7.25 11.05
C ARG A 373 23.31 -6.24 12.17
N LEU A 374 22.04 -5.82 12.38
CA LEU A 374 21.60 -4.97 13.51
C LEU A 374 21.60 -5.68 14.87
N PHE A 375 22.15 -5.06 15.92
CA PHE A 375 22.18 -5.62 17.31
C PHE A 375 21.33 -4.81 18.25
N CYS A 376 20.35 -5.46 18.92
CA CYS A 376 19.44 -4.81 19.81
C CYS A 376 19.61 -5.31 21.26
N LYS A 377 19.18 -4.54 22.24
CA LYS A 377 19.17 -5.05 23.59
C LYS A 377 17.90 -4.81 24.48
N ARG A 378 17.58 -5.78 25.35
CA ARG A 378 16.72 -5.49 26.53
C ARG A 378 17.46 -5.43 27.87
N ARG A 379 16.72 -5.53 29.00
CA ARG A 379 17.31 -5.38 30.40
C ARG A 379 17.75 -6.67 30.99
N ASN A 380 18.72 -6.56 31.93
CA ASN A 380 19.74 -7.61 32.22
C ASN A 380 20.58 -7.56 30.95
N SER A 381 19.92 -7.78 29.79
CA SER A 381 20.58 -8.33 28.66
C SER A 381 21.67 -7.35 28.43
N MET A 382 22.88 -7.89 28.46
CA MET A 382 24.00 -7.30 27.77
C MET A 382 24.14 -8.16 26.56
N ILE A 383 23.50 -9.34 26.56
CA ILE A 383 23.38 -10.17 25.33
C ILE A 383 23.04 -9.26 24.14
N CYS A 384 23.85 -9.44 23.10
CA CYS A 384 23.66 -8.86 21.81
C CYS A 384 22.69 -9.66 20.98
N ASN A 385 21.45 -9.21 20.88
CA ASN A 385 20.46 -9.91 20.04
C ASN A 385 20.31 -9.39 18.61
N CYS A 386 19.99 -10.30 17.69
CA CYS A 386 19.89 -9.96 16.32
C CYS A 386 18.78 -10.77 15.81
N SER A 387 18.35 -10.48 14.58
CA SER A 387 17.23 -11.17 13.97
C SER A 387 17.69 -11.84 12.69
N ILE A 388 17.29 -13.11 12.50
CA ILE A 388 17.85 -13.90 11.44
C ILE A 388 16.76 -14.65 10.70
N SER A 389 17.09 -15.08 9.51
CA SER A 389 16.10 -15.72 8.71
C SER A 389 16.77 -16.66 7.77
N PRO A 390 16.59 -17.99 8.03
CA PRO A 390 17.04 -18.99 7.06
C PRO A 390 16.40 -18.55 5.73
N ARG A 391 15.17 -18.08 5.84
CA ARG A 391 14.41 -17.61 4.74
C ARG A 391 15.17 -16.55 3.93
N ASP A 392 15.42 -15.41 4.57
CA ASP A 392 15.61 -14.12 3.91
C ASP A 392 16.80 -13.44 4.54
N PRO A 393 17.98 -13.46 3.85
CA PRO A 393 19.21 -13.07 4.58
C PRO A 393 19.25 -11.54 4.87
N ASN A 394 18.39 -10.73 4.23
CA ASN A 394 18.22 -9.32 4.57
C ASN A 394 17.45 -8.98 5.82
N TYR A 395 16.77 -9.96 6.42
CA TYR A 395 15.92 -9.55 7.52
C TYR A 395 16.92 -9.34 8.65
N GLY A 396 16.65 -8.35 9.52
CA GLY A 396 17.59 -8.01 10.63
C GLY A 396 18.85 -7.19 10.28
N MET A 397 19.09 -6.96 8.99
CA MET A 397 20.27 -6.21 8.56
C MET A 397 19.93 -4.71 8.78
N VAL A 398 20.89 -3.91 9.28
CA VAL A 398 20.72 -2.45 9.42
C VAL A 398 20.19 -1.91 8.05
N GLU A 399 19.18 -1.04 8.07
CA GLU A 399 18.58 -0.55 6.84
C GLU A 399 19.56 0.41 6.21
N PRO A 400 19.64 0.36 4.89
CA PRO A 400 20.50 1.30 4.15
C PRO A 400 20.11 2.73 4.55
N GLY A 401 21.14 3.53 4.81
CA GLY A 401 20.91 4.94 5.05
C GLY A 401 20.85 5.24 6.51
N THR A 402 21.07 4.25 7.35
CA THR A 402 21.14 4.51 8.72
C THR A 402 22.48 5.21 8.97
N LYS A 403 22.50 6.10 9.94
CA LYS A 403 23.70 6.80 10.38
C LYS A 403 24.70 5.91 11.06
N CYS A 404 25.99 5.95 10.67
CA CYS A 404 27.03 5.10 11.30
C CYS A 404 28.24 5.81 11.89
N GLY A 405 28.12 7.12 12.12
CA GLY A 405 29.23 7.98 12.56
C GLY A 405 28.83 9.38 12.17
N ASP A 406 29.48 10.41 12.68
CA ASP A 406 29.13 11.78 12.25
C ASP A 406 29.52 11.89 10.82
N GLY A 407 28.50 12.30 10.07
CA GLY A 407 28.49 12.49 8.59
C GLY A 407 28.74 11.19 7.87
N MET A 408 28.23 10.09 8.45
CA MET A 408 28.37 8.83 7.79
C MET A 408 27.10 7.96 7.75
N VAL A 409 26.84 7.35 6.62
CA VAL A 409 25.71 6.57 6.54
C VAL A 409 26.08 5.22 5.92
N CYS A 410 25.19 4.22 6.14
CA CYS A 410 25.18 2.98 5.35
C CYS A 410 24.64 3.09 3.97
N SER A 411 25.51 2.67 3.09
CA SER A 411 25.11 2.51 1.70
C SER A 411 25.78 1.18 1.29
N ASN A 412 25.08 0.31 0.55
CA ASN A 412 25.55 -1.08 0.24
C ASN A 412 26.30 -1.77 1.35
N ARG A 413 25.67 -1.75 2.52
CA ARG A 413 26.30 -2.35 3.60
C ARG A 413 27.74 -1.87 3.73
N GLN A 414 28.01 -0.58 3.45
CA GLN A 414 29.29 0.01 3.92
C GLN A 414 29.04 1.29 4.67
N CYS A 415 29.83 1.55 5.69
CA CYS A 415 29.78 2.89 6.29
C CYS A 415 30.49 3.97 5.42
N VAL A 416 29.72 4.92 4.88
CA VAL A 416 30.35 5.84 3.92
C VAL A 416 30.08 7.26 4.22
N ASP A 417 31.02 8.05 3.72
CA ASP A 417 30.90 9.47 3.89
C ASP A 417 29.58 9.90 3.20
N VAL A 418 28.72 10.69 3.91
CA VAL A 418 27.37 11.11 3.31
C VAL A 418 27.54 11.95 2.02
N LYS A 419 28.65 12.69 1.95
CA LYS A 419 29.00 13.49 0.80
C LYS A 419 29.38 12.62 -0.40
N THR A 420 29.70 11.32 -0.20
CA THR A 420 29.80 10.40 -1.30
C THR A 420 28.48 9.70 -1.64
N ALA A 421 27.58 9.57 -0.66
CA ALA A 421 26.28 8.96 -0.94
C ALA A 421 25.30 9.90 -1.63
N TYR A 422 25.29 11.15 -1.21
CA TYR A 422 24.17 12.03 -1.68
C TYR A 422 24.58 13.43 -1.94
C1 NAG B . -27.19 19.95 -16.20
C2 NAG B . -28.16 21.04 -15.67
C3 NAG B . -29.36 21.06 -16.59
C4 NAG B . -28.78 21.66 -17.89
C5 NAG B . -27.86 20.50 -18.44
C6 NAG B . -27.35 20.62 -19.88
C7 NAG B . -28.20 21.42 -13.25
C8 NAG B . -28.83 21.00 -11.92
N2 NAG B . -28.56 20.71 -14.34
O3 NAG B . -30.44 21.80 -16.06
O4 NAG B . -29.73 22.26 -18.81
O5 NAG B . -26.78 20.20 -17.55
O6 NAG B . -27.97 19.57 -20.57
O7 NAG B . -27.41 22.39 -13.28
ZN ZN C . -14.77 -11.74 6.83
CA CA D . -1.04 3.84 -6.80
CA CA E . 5.60 15.29 0.48
CA CA F . -17.25 9.01 -12.56
#